data_4ZMR
#
_entry.id   4ZMR
#
_cell.length_a   40.233
_cell.length_b   114.491
_cell.length_c   50.148
_cell.angle_alpha   90.000
_cell.angle_beta   92.120
_cell.angle_gamma   90.000
#
_symmetry.space_group_name_H-M   'P 1 21 1'
#
loop_
_entity.id
_entity.type
_entity.pdbx_description
1 polymer 'Response regulator'
2 non-polymer 'MAGNESIUM ION'
3 non-polymer 'BERYLLIUM TRIFLUORIDE ION'
4 water water
#
_entity_poly.entity_id   1
_entity_poly.type   'polypeptide(L)'
_entity_poly.pdbx_seq_one_letter_code
;GLVPRGSHMKVLVAEDQSMLRDAMCQLLTLQPDVESVLQAKNGQEAIQLLEKESVDIAILDVEMPVKTGLEVLEWIRSEK
LETKVVVVTTFKRAGYFERAVKAGVDAYVLKERSIADLMQTLHTVLEGRKEYSPELMEMVMTRPNPLTEQEIAVLKGIAR
GLSNQEIADQLYLSNGTIRNYVTNILSKLDAGNRTEAANIAKESGWL
;
_entity_poly.pdbx_strand_id   A,B
#
# COMPACT_ATOMS: atom_id res chain seq x y z
N GLY A 1 10.06 10.04 -31.50
CA GLY A 1 10.38 10.43 -30.08
C GLY A 1 11.61 9.76 -29.44
N LEU A 2 12.43 9.06 -30.23
CA LEU A 2 13.60 8.34 -29.69
C LEU A 2 14.63 9.29 -29.18
N VAL A 3 15.03 9.04 -27.94
CA VAL A 3 16.10 9.76 -27.29
C VAL A 3 17.32 8.81 -27.21
N PRO A 4 18.44 9.17 -27.88
CA PRO A 4 19.54 8.20 -28.01
C PRO A 4 20.53 8.17 -26.83
N ARG A 5 19.99 7.84 -25.66
CA ARG A 5 20.72 7.87 -24.40
C ARG A 5 20.48 6.58 -23.64
N GLY A 6 20.00 5.59 -24.37
CA GLY A 6 19.62 4.33 -23.75
C GLY A 6 20.79 3.55 -23.15
N SER A 7 22.02 4.01 -23.38
CA SER A 7 23.21 3.35 -22.83
C SER A 7 23.67 4.06 -21.57
N HIS A 8 23.07 5.23 -21.31
CA HIS A 8 23.44 6.08 -20.15
C HIS A 8 22.27 6.99 -19.72
N MET A 9 21.16 6.38 -19.36
CA MET A 9 19.97 7.17 -19.09
C MET A 9 19.96 7.72 -17.65
N LYS A 10 19.58 8.99 -17.54
CA LYS A 10 19.35 9.71 -16.30
C LYS A 10 17.90 9.56 -15.91
N VAL A 11 17.62 9.04 -14.73
CA VAL A 11 16.24 8.81 -14.36
C VAL A 11 15.98 9.40 -12.97
N LEU A 12 14.71 9.62 -12.64
CA LEU A 12 14.28 10.02 -11.33
C LEU A 12 13.24 9.02 -10.90
N VAL A 13 13.26 8.62 -9.62
CA VAL A 13 12.30 7.69 -9.06
C VAL A 13 11.57 8.43 -7.93
N ALA A 14 10.26 8.57 -8.06
CA ALA A 14 9.45 9.18 -6.99
C ALA A 14 8.55 8.09 -6.42
N GLU A 15 8.72 7.78 -5.12
CA GLU A 15 8.03 6.66 -4.50
C GLU A 15 8.06 6.78 -2.98
N ASP A 16 6.89 6.75 -2.33
CA ASP A 16 6.82 7.10 -0.89
C ASP A 16 7.07 5.93 0.07
N GLN A 17 6.99 4.71 -0.43
CA GLN A 17 7.37 3.58 0.40
C GLN A 17 8.90 3.47 0.35
N SER A 18 9.55 3.73 1.47
CA SER A 18 10.99 3.89 1.53
C SER A 18 11.74 2.63 1.11
N MET A 19 11.28 1.46 1.54
CA MET A 19 12.05 0.28 1.27
C MET A 19 12.07 -0.03 -0.23
N LEU A 20 10.91 0.13 -0.87
CA LEU A 20 10.76 -0.08 -2.31
C LEU A 20 11.56 0.97 -3.08
N ARG A 21 11.46 2.22 -2.69
CA ARG A 21 12.22 3.26 -3.39
C ARG A 21 13.72 2.91 -3.35
N ASP A 22 14.21 2.59 -2.15
CA ASP A 22 15.62 2.25 -1.95
C ASP A 22 16.02 1.07 -2.82
N ALA A 23 15.28 -0.03 -2.75
CA ALA A 23 15.64 -1.20 -3.52
C ALA A 23 15.59 -0.98 -5.05
N MET A 24 14.57 -0.24 -5.53
CA MET A 24 14.49 0.12 -6.94
C MET A 24 15.69 0.92 -7.36
N CYS A 25 16.00 1.98 -6.61
CA CYS A 25 17.07 2.84 -7.05
C CYS A 25 18.44 2.16 -7.04
N GLN A 26 18.69 1.34 -6.03
CA GLN A 26 19.96 0.66 -5.96
C GLN A 26 20.10 -0.20 -7.19
N LEU A 27 19.03 -0.89 -7.57
CA LEU A 27 19.17 -1.86 -8.67
C LEU A 27 19.24 -1.18 -10.04
N LEU A 28 18.47 -0.09 -10.19
CA LEU A 28 18.58 0.73 -11.38
C LEU A 28 20.00 1.25 -11.52
N THR A 29 20.53 1.80 -10.43
CA THR A 29 21.90 2.32 -10.42
C THR A 29 22.90 1.29 -10.86
N LEU A 30 22.58 0.02 -10.62
CA LEU A 30 23.53 -1.03 -10.97
C LEU A 30 23.50 -1.43 -12.45
N GLN A 31 22.42 -1.11 -13.14
CA GLN A 31 22.25 -1.44 -14.54
C GLN A 31 23.34 -0.80 -15.44
N PRO A 32 23.88 -1.54 -16.43
CA PRO A 32 24.84 -0.86 -17.33
C PRO A 32 24.24 0.31 -18.12
N ASP A 33 22.94 0.29 -18.35
CA ASP A 33 22.32 1.33 -19.16
C ASP A 33 21.91 2.59 -18.39
N VAL A 34 21.97 2.55 -17.06
CA VAL A 34 21.60 3.70 -16.24
C VAL A 34 22.83 4.45 -15.78
N GLU A 35 22.84 5.76 -16.01
CA GLU A 35 23.95 6.62 -15.60
C GLU A 35 23.77 7.16 -14.19
N SER A 36 22.55 7.58 -13.88
CA SER A 36 22.28 8.19 -12.59
C SER A 36 20.81 8.04 -12.23
N VAL A 37 20.53 8.05 -10.92
CA VAL A 37 19.16 7.92 -10.41
C VAL A 37 18.85 8.93 -9.35
N LEU A 38 17.94 9.86 -9.61
CA LEU A 38 17.45 10.78 -8.56
C LEU A 38 16.27 10.20 -7.80
N GLN A 39 16.22 10.50 -6.52
CA GLN A 39 15.28 9.86 -5.67
C GLN A 39 14.37 10.91 -4.99
N ALA A 40 13.07 10.66 -4.99
CA ALA A 40 12.10 11.53 -4.35
C ALA A 40 11.09 10.70 -3.55
N LYS A 41 10.72 11.19 -2.36
CA LYS A 41 9.80 10.45 -1.47
C LYS A 41 8.35 10.92 -1.65
N ASN A 42 8.17 12.05 -2.31
CA ASN A 42 6.83 12.47 -2.66
C ASN A 42 6.84 13.39 -3.86
N GLY A 43 5.66 13.80 -4.31
CA GLY A 43 5.56 14.49 -5.58
C GLY A 43 6.18 15.86 -5.52
N GLN A 44 6.06 16.51 -4.39
CA GLN A 44 6.60 17.85 -4.24
C GLN A 44 8.13 17.84 -4.41
N GLU A 45 8.79 16.87 -3.73
CA GLU A 45 10.22 16.65 -3.90
C GLU A 45 10.57 16.34 -5.36
N ALA A 46 9.73 15.56 -6.06
CA ALA A 46 10.05 15.26 -7.48
C ALA A 46 10.13 16.55 -8.27
N ILE A 47 9.12 17.39 -8.09
CA ILE A 47 9.00 18.63 -8.84
C ILE A 47 10.16 19.57 -8.53
N GLN A 48 10.53 19.68 -7.24
CA GLN A 48 11.67 20.53 -6.87
C GLN A 48 12.97 20.06 -7.52
N LEU A 49 13.10 18.75 -7.64
CA LEU A 49 14.26 18.18 -8.23
C LEU A 49 14.30 18.51 -9.70
N LEU A 50 13.17 18.32 -10.36
CA LEU A 50 13.05 18.57 -11.77
C LEU A 50 13.18 20.04 -12.13
N GLU A 51 12.99 20.92 -11.14
CA GLU A 51 13.21 22.37 -11.35
C GLU A 51 14.70 22.69 -11.44
N LYS A 52 15.53 21.78 -10.94
CA LYS A 52 16.96 22.09 -10.83
C LYS A 52 17.82 21.16 -11.65
N GLU A 53 17.29 20.05 -12.15
CA GLU A 53 18.02 19.32 -13.17
C GLU A 53 17.20 18.46 -14.13
N SER A 54 17.83 18.15 -15.27
CA SER A 54 17.23 17.39 -16.35
C SER A 54 17.31 15.89 -16.11
N VAL A 55 16.21 15.20 -16.38
CA VAL A 55 16.23 13.75 -16.44
C VAL A 55 15.58 13.28 -17.75
N ASP A 56 15.98 12.09 -18.18
CA ASP A 56 15.47 11.44 -19.40
C ASP A 56 14.15 10.76 -19.11
N ILE A 57 14.01 10.21 -17.90
CA ILE A 57 12.79 9.50 -17.54
C ILE A 57 12.45 9.80 -16.08
N ALA A 58 11.19 10.19 -15.86
CA ALA A 58 10.68 10.28 -14.49
C ALA A 58 9.77 9.09 -14.28
N ILE A 59 10.11 8.32 -13.25
CA ILE A 59 9.41 7.10 -12.88
C ILE A 59 8.63 7.47 -11.63
N LEU A 60 7.30 7.32 -11.71
CA LEU A 60 6.41 7.99 -10.72
C LEU A 60 5.37 7.09 -10.13
N ASP A 61 5.41 6.94 -8.81
CA ASP A 61 4.31 6.35 -8.05
C ASP A 61 3.10 7.26 -8.15
N VAL A 62 1.87 6.72 -8.11
CA VAL A 62 0.70 7.59 -8.02
C VAL A 62 0.48 8.14 -6.58
N GLU A 63 0.22 7.26 -5.61
CA GLU A 63 -0.20 7.76 -4.29
C GLU A 63 1.01 8.06 -3.43
N MET A 64 1.16 9.35 -3.17
CA MET A 64 2.31 9.94 -2.54
C MET A 64 1.84 11.18 -1.80
N PRO A 65 2.48 11.53 -0.68
CA PRO A 65 2.13 12.77 0.01
C PRO A 65 2.32 14.02 -0.83
N VAL A 66 1.47 15.01 -0.54
CA VAL A 66 1.65 16.39 -0.96
C VAL A 66 1.25 16.60 -2.43
N LYS A 67 1.92 15.90 -3.33
CA LYS A 67 1.58 15.87 -4.76
C LYS A 67 1.62 14.43 -5.24
N THR A 68 0.60 13.97 -5.97
CA THR A 68 0.62 12.60 -6.50
C THR A 68 1.47 12.52 -7.77
N GLY A 69 1.80 11.31 -8.21
CA GLY A 69 2.47 11.14 -9.48
C GLY A 69 1.70 11.66 -10.68
N LEU A 70 0.37 11.66 -10.60
CA LEU A 70 -0.44 12.17 -11.72
C LEU A 70 -0.30 13.69 -11.82
N GLU A 71 -0.26 14.35 -10.68
CA GLU A 71 0.02 15.78 -10.60
C GLU A 71 1.43 16.15 -11.06
N VAL A 72 2.41 15.32 -10.73
CA VAL A 72 3.79 15.53 -11.19
C VAL A 72 3.86 15.37 -12.74
N LEU A 73 3.23 14.32 -13.26
CA LEU A 73 3.06 14.12 -14.69
C LEU A 73 2.48 15.35 -15.35
N GLU A 74 1.42 15.91 -14.75
CA GLU A 74 0.72 17.01 -15.37
C GLU A 74 1.60 18.26 -15.34
N TRP A 75 2.45 18.34 -14.31
CA TRP A 75 3.40 19.45 -14.17
C TRP A 75 4.57 19.36 -15.14
N ILE A 76 5.08 18.15 -15.35
CA ILE A 76 6.17 17.91 -16.31
C ILE A 76 5.74 18.31 -17.72
N ARG A 77 4.50 17.99 -18.05
CA ARG A 77 3.96 18.30 -19.38
C ARG A 77 3.67 19.79 -19.52
N SER A 78 3.28 20.45 -18.43
CA SER A 78 3.01 21.88 -18.52
C SER A 78 4.33 22.62 -18.64
N GLU A 79 5.39 22.04 -18.11
CA GLU A 79 6.72 22.60 -18.28
C GLU A 79 7.42 22.19 -19.61
N LYS A 80 6.76 21.39 -20.45
CA LYS A 80 7.34 20.89 -21.71
C LYS A 80 8.76 20.31 -21.57
N LEU A 81 9.00 19.61 -20.47
CA LEU A 81 10.31 18.99 -20.26
C LEU A 81 10.57 17.91 -21.29
N GLU A 82 11.82 17.75 -21.68
CA GLU A 82 12.23 16.62 -22.54
C GLU A 82 12.47 15.38 -21.66
N THR A 83 11.35 14.82 -21.17
CA THR A 83 11.35 13.75 -20.16
C THR A 83 10.24 12.77 -20.44
N LYS A 84 10.58 11.49 -20.55
CA LYS A 84 9.56 10.46 -20.68
C LYS A 84 8.98 10.25 -19.28
N VAL A 85 7.74 9.78 -19.18
CA VAL A 85 7.16 9.52 -17.87
C VAL A 85 6.58 8.11 -17.79
N VAL A 86 7.00 7.38 -16.76
CA VAL A 86 6.50 6.05 -16.50
C VAL A 86 5.83 6.03 -15.14
N VAL A 87 4.55 5.69 -15.09
CA VAL A 87 3.82 5.60 -13.80
C VAL A 87 3.88 4.17 -13.38
N VAL A 88 4.27 3.96 -12.13
CA VAL A 88 4.43 2.62 -11.54
C VAL A 88 3.63 2.60 -10.24
N THR A 89 2.57 1.78 -10.17
CA THR A 89 1.54 1.94 -9.09
C THR A 89 0.93 0.61 -8.71
N THR A 90 0.42 0.50 -7.48
CA THR A 90 -0.35 -0.67 -7.10
C THR A 90 -1.74 -0.61 -7.75
N PHE A 91 -2.23 0.61 -8.01
CA PHE A 91 -3.65 0.78 -8.24
C PHE A 91 -4.08 0.47 -9.65
N LYS A 92 -4.93 -0.53 -9.74
CA LYS A 92 -5.67 -0.84 -10.95
C LYS A 92 -6.98 -0.04 -11.05
N ARG A 93 -6.90 1.29 -10.97
CA ARG A 93 -8.08 2.17 -11.00
C ARG A 93 -8.23 2.83 -12.34
N ALA A 94 -9.30 2.50 -13.06
CA ALA A 94 -9.45 2.92 -14.46
C ALA A 94 -9.29 4.42 -14.61
N GLY A 95 -9.71 5.15 -13.59
CA GLY A 95 -9.68 6.59 -13.65
C GLY A 95 -8.30 7.18 -13.57
N TYR A 96 -7.40 6.51 -12.86
CA TYR A 96 -6.05 7.02 -12.74
C TYR A 96 -5.39 6.88 -14.09
N PHE A 97 -5.57 5.70 -14.71
CA PHE A 97 -5.01 5.35 -16.03
C PHE A 97 -5.50 6.34 -17.11
N GLU A 98 -6.81 6.66 -17.09
CA GLU A 98 -7.41 7.59 -18.03
C GLU A 98 -6.78 8.97 -17.91
N ARG A 99 -6.62 9.44 -16.69
CA ARG A 99 -6.00 10.73 -16.43
C ARG A 99 -4.55 10.78 -16.97
N ALA A 100 -3.82 9.74 -16.67
CA ALA A 100 -2.42 9.60 -17.10
C ALA A 100 -2.32 9.73 -18.60
N VAL A 101 -3.14 8.95 -19.29
CA VAL A 101 -3.14 8.93 -20.75
C VAL A 101 -3.51 10.28 -21.32
N LYS A 102 -4.51 10.94 -20.77
CA LYS A 102 -4.87 12.27 -21.23
C LYS A 102 -3.73 13.26 -21.06
N ALA A 103 -2.93 13.14 -19.99
CA ALA A 103 -1.76 13.99 -19.90
C ALA A 103 -0.55 13.45 -20.69
N GLY A 104 -0.77 12.50 -21.59
CA GLY A 104 0.30 11.88 -22.37
C GLY A 104 1.42 11.13 -21.63
N VAL A 105 1.07 10.34 -20.63
CA VAL A 105 2.04 9.46 -19.97
C VAL A 105 2.65 8.58 -21.09
N ASP A 106 3.89 8.11 -20.89
CA ASP A 106 4.51 7.23 -21.87
C ASP A 106 4.33 5.79 -21.49
N ALA A 107 4.26 5.51 -20.19
CA ALA A 107 3.89 4.18 -19.71
C ALA A 107 3.16 4.22 -18.37
N TYR A 108 2.30 3.24 -18.19
CA TYR A 108 1.56 3.03 -16.95
C TYR A 108 1.60 1.56 -16.64
N VAL A 109 2.25 1.19 -15.55
CA VAL A 109 2.42 -0.22 -15.23
C VAL A 109 2.21 -0.47 -13.73
N LEU A 110 1.85 -1.70 -13.43
CA LEU A 110 1.47 -2.11 -12.10
C LEU A 110 2.71 -2.66 -11.34
N LYS A 111 2.67 -2.67 -10.01
CA LYS A 111 3.76 -3.26 -9.20
C LYS A 111 3.64 -4.79 -9.12
N GLU A 112 2.72 -5.35 -9.90
CA GLU A 112 2.74 -6.78 -10.25
C GLU A 112 3.88 -7.09 -11.26
N ARG A 113 4.50 -6.06 -11.85
CA ARG A 113 5.63 -6.26 -12.76
C ARG A 113 6.93 -6.43 -12.00
N SER A 114 7.93 -7.02 -12.65
CA SER A 114 9.28 -7.19 -12.11
C SER A 114 10.17 -6.01 -12.48
N ILE A 115 11.38 -6.01 -11.94
CA ILE A 115 12.38 -5.00 -12.22
C ILE A 115 12.87 -5.16 -13.67
N ALA A 116 12.75 -6.37 -14.19
CA ALA A 116 13.12 -6.64 -15.57
C ALA A 116 12.05 -6.07 -16.52
N ASP A 117 10.78 -6.17 -16.14
CA ASP A 117 9.73 -5.57 -16.93
C ASP A 117 9.96 -4.06 -16.92
N LEU A 118 10.35 -3.55 -15.75
CA LEU A 118 10.56 -2.12 -15.59
C LEU A 118 11.68 -1.61 -16.48
N MET A 119 12.80 -2.35 -16.54
CA MET A 119 13.89 -1.95 -17.39
C MET A 119 13.44 -1.94 -18.86
N GLN A 120 12.63 -2.91 -19.23
CA GLN A 120 12.12 -2.99 -20.59
C GLN A 120 11.20 -1.79 -20.91
N THR A 121 10.37 -1.39 -19.94
CA THR A 121 9.52 -0.21 -20.07
C THR A 121 10.35 1.05 -20.27
N LEU A 122 11.38 1.19 -19.48
CA LEU A 122 12.27 2.33 -19.61
C LEU A 122 12.81 2.42 -21.03
N HIS A 123 13.39 1.33 -21.56
CA HIS A 123 13.89 1.36 -22.95
C HIS A 123 12.79 1.63 -23.97
N THR A 124 11.64 1.02 -23.76
CA THR A 124 10.51 1.24 -24.65
C THR A 124 10.19 2.73 -24.74
N VAL A 125 10.05 3.40 -23.60
CA VAL A 125 9.61 4.79 -23.69
C VAL A 125 10.73 5.68 -24.20
N LEU A 126 11.96 5.33 -23.87
CA LEU A 126 13.09 6.14 -24.31
C LEU A 126 13.32 5.99 -25.86
N GLU A 127 12.86 4.90 -26.45
CA GLU A 127 12.90 4.76 -27.90
C GLU A 127 11.64 5.30 -28.58
N GLY A 128 10.87 6.07 -27.79
CA GLY A 128 9.73 6.83 -28.28
C GLY A 128 8.44 6.05 -28.32
N ARG A 129 8.40 4.89 -27.67
CA ARG A 129 7.19 4.09 -27.68
C ARG A 129 6.40 4.21 -26.37
N LYS A 130 5.30 3.49 -26.32
CA LYS A 130 4.33 3.59 -25.24
C LYS A 130 4.20 2.22 -24.68
N GLU A 131 3.91 2.13 -23.38
CA GLU A 131 3.56 0.83 -22.80
C GLU A 131 2.50 0.98 -21.76
N TYR A 132 1.41 0.29 -21.96
CA TYR A 132 0.25 0.41 -21.13
C TYR A 132 -0.08 -0.92 -20.50
N SER A 133 -0.35 -0.93 -19.21
CA SER A 133 -0.73 -2.15 -18.51
C SER A 133 -1.85 -2.84 -19.30
N PRO A 134 -1.62 -4.06 -19.81
CA PRO A 134 -2.66 -4.74 -20.60
C PRO A 134 -3.95 -4.90 -19.80
N GLU A 135 -3.74 -5.08 -18.52
CA GLU A 135 -4.82 -5.39 -17.64
C GLU A 135 -5.71 -4.14 -17.50
N LEU A 136 -5.10 -2.96 -17.37
CA LEU A 136 -5.87 -1.72 -17.36
C LEU A 136 -6.51 -1.41 -18.71
N MET A 137 -5.79 -1.71 -19.80
CA MET A 137 -6.34 -1.56 -21.15
C MET A 137 -7.62 -2.34 -21.23
N GLU A 138 -7.52 -3.63 -20.93
CA GLU A 138 -8.68 -4.51 -20.94
C GLU A 138 -9.82 -3.87 -20.16
N MET A 139 -9.56 -3.51 -18.91
CA MET A 139 -10.56 -2.90 -18.03
C MET A 139 -11.36 -1.80 -18.70
N VAL A 140 -10.65 -0.94 -19.38
CA VAL A 140 -11.21 0.26 -19.95
C VAL A 140 -11.86 0.01 -21.32
N MET A 141 -11.36 -0.93 -22.14
CA MET A 141 -12.01 -1.22 -23.42
C MET A 141 -13.30 -2.01 -23.21
N THR A 142 -13.63 -2.42 -21.98
CA THR A 142 -14.88 -3.13 -21.77
C THR A 142 -15.89 -2.18 -21.13
N ARG A 143 -16.94 -1.89 -21.88
CA ARG A 143 -17.96 -0.93 -21.49
C ARG A 143 -19.30 -1.64 -21.23
N PRO A 144 -20.09 -1.13 -20.27
CA PRO A 144 -21.46 -1.66 -20.18
C PRO A 144 -22.28 -1.18 -21.38
N ASN A 145 -23.41 -1.82 -21.63
CA ASN A 145 -24.37 -1.30 -22.59
C ASN A 145 -24.79 0.08 -22.10
N PRO A 146 -24.52 1.13 -22.90
CA PRO A 146 -24.90 2.48 -22.45
C PRO A 146 -26.35 2.85 -22.74
N LEU A 147 -27.07 1.99 -23.47
CA LEU A 147 -28.42 2.31 -23.90
C LEU A 147 -29.49 1.85 -22.91
N THR A 148 -30.45 2.74 -22.61
CA THR A 148 -31.62 2.39 -21.81
C THR A 148 -32.52 1.42 -22.57
N GLU A 149 -33.49 0.81 -21.87
CA GLU A 149 -34.40 -0.13 -22.52
C GLU A 149 -35.19 0.55 -23.64
N GLN A 150 -35.57 1.81 -23.43
CA GLN A 150 -36.29 2.56 -24.44
C GLN A 150 -35.43 2.74 -25.68
N GLU A 151 -34.21 3.21 -25.48
CA GLU A 151 -33.33 3.54 -26.59
C GLU A 151 -33.03 2.31 -27.44
N ILE A 152 -32.92 1.17 -26.77
CA ILE A 152 -32.77 -0.12 -27.44
C ILE A 152 -33.97 -0.42 -28.34
N ALA A 153 -35.19 -0.23 -27.81
CA ALA A 153 -36.41 -0.35 -28.61
C ALA A 153 -36.41 0.60 -29.81
N VAL A 154 -36.08 1.86 -29.56
CA VAL A 154 -35.96 2.82 -30.66
C VAL A 154 -35.00 2.34 -31.76
N LEU A 155 -33.86 1.83 -31.34
CA LEU A 155 -32.80 1.44 -32.28
C LEU A 155 -33.19 0.22 -33.10
N LYS A 156 -33.88 -0.74 -32.47
CA LYS A 156 -34.47 -1.84 -33.19
C LYS A 156 -35.43 -1.29 -34.25
N GLY A 157 -36.27 -0.33 -33.84
CA GLY A 157 -37.19 0.32 -34.73
C GLY A 157 -36.48 0.92 -35.93
N ILE A 158 -35.39 1.62 -35.63
CA ILE A 158 -34.61 2.29 -36.65
C ILE A 158 -34.08 1.25 -37.60
N ALA A 159 -33.67 0.12 -37.04
CA ALA A 159 -33.04 -0.93 -37.84
C ALA A 159 -33.98 -1.53 -38.87
N ARG A 160 -35.28 -1.19 -38.81
CA ARG A 160 -36.22 -1.67 -39.81
C ARG A 160 -36.64 -0.60 -40.81
N GLY A 161 -35.99 0.55 -40.76
CA GLY A 161 -36.25 1.63 -41.69
C GLY A 161 -37.44 2.45 -41.23
N LEU A 162 -37.91 2.17 -40.00
CA LEU A 162 -39.02 2.95 -39.44
C LEU A 162 -38.69 4.42 -39.18
N SER A 163 -39.65 5.28 -39.48
CA SER A 163 -39.55 6.69 -39.16
C SER A 163 -39.72 6.89 -37.67
N ASN A 164 -39.32 8.06 -37.20
CA ASN A 164 -39.50 8.44 -35.81
C ASN A 164 -40.96 8.28 -35.43
N GLN A 165 -41.87 8.78 -36.28
CA GLN A 165 -43.31 8.76 -36.01
C GLN A 165 -43.84 7.33 -35.89
N GLU A 166 -43.34 6.45 -36.76
CA GLU A 166 -43.70 5.04 -36.75
C GLU A 166 -43.23 4.38 -35.45
N ILE A 167 -42.04 4.75 -35.00
CA ILE A 167 -41.49 4.22 -33.74
C ILE A 167 -42.31 4.75 -32.57
N ALA A 168 -42.69 6.02 -32.64
CA ALA A 168 -43.52 6.61 -31.59
C ALA A 168 -44.85 5.86 -31.42
N ASP A 169 -45.47 5.52 -32.55
CA ASP A 169 -46.70 4.76 -32.54
C ASP A 169 -46.48 3.38 -31.93
N GLN A 170 -45.45 2.67 -32.37
CA GLN A 170 -45.09 1.37 -31.81
C GLN A 170 -44.91 1.42 -30.28
N LEU A 171 -44.13 2.38 -29.81
CA LEU A 171 -43.79 2.44 -28.40
C LEU A 171 -44.83 3.20 -27.59
N TYR A 172 -45.86 3.71 -28.26
CA TYR A 172 -46.90 4.43 -27.55
C TYR A 172 -46.39 5.75 -26.94
N LEU A 173 -45.45 6.38 -27.65
CA LEU A 173 -44.85 7.63 -27.20
C LEU A 173 -45.10 8.74 -28.22
N SER A 174 -44.78 9.97 -27.83
CA SER A 174 -44.93 11.11 -28.72
C SER A 174 -43.75 11.14 -29.67
N ASN A 175 -43.96 11.71 -30.85
CA ASN A 175 -42.85 11.91 -31.78
C ASN A 175 -41.68 12.70 -31.16
N GLY A 176 -41.99 13.71 -30.34
CA GLY A 176 -40.96 14.52 -29.69
C GLY A 176 -40.12 13.74 -28.68
N THR A 177 -40.72 12.72 -28.09
CA THR A 177 -40.01 11.85 -27.18
C THR A 177 -39.03 11.00 -27.99
N ILE A 178 -39.50 10.35 -29.05
CA ILE A 178 -38.60 9.60 -29.94
C ILE A 178 -37.43 10.49 -30.45
N ARG A 179 -37.70 11.72 -30.89
CA ARG A 179 -36.63 12.60 -31.35
C ARG A 179 -35.55 12.81 -30.29
N ASN A 180 -35.98 13.10 -29.04
CA ASN A 180 -35.06 13.19 -27.91
C ASN A 180 -34.18 11.95 -27.84
N TYR A 181 -34.81 10.77 -27.71
CA TYR A 181 -34.09 9.49 -27.59
C TYR A 181 -33.06 9.30 -28.70
N VAL A 182 -33.42 9.70 -29.92
CA VAL A 182 -32.52 9.61 -31.06
C VAL A 182 -31.33 10.52 -30.85
N THR A 183 -31.60 11.77 -30.54
CA THR A 183 -30.54 12.74 -30.28
C THR A 183 -29.60 12.18 -29.23
N ASN A 184 -30.19 11.66 -28.17
CA ASN A 184 -29.47 11.12 -27.04
C ASN A 184 -28.59 9.94 -27.47
N ILE A 185 -29.13 9.14 -28.39
CA ILE A 185 -28.48 7.93 -28.86
C ILE A 185 -27.26 8.25 -29.74
N LEU A 186 -27.36 9.27 -30.58
CA LEU A 186 -26.23 9.74 -31.36
C LEU A 186 -25.07 10.22 -30.48
N SER A 187 -25.38 10.77 -29.30
CA SER A 187 -24.34 11.26 -28.40
C SER A 187 -23.61 10.09 -27.74
N LYS A 188 -24.38 9.17 -27.19
CA LYS A 188 -23.85 8.04 -26.44
C LYS A 188 -23.04 7.07 -27.29
N LEU A 189 -23.27 7.08 -28.60
CA LEU A 189 -22.63 6.12 -29.49
C LEU A 189 -21.71 6.83 -30.49
N ASP A 190 -21.57 8.14 -30.34
CA ASP A 190 -20.87 9.00 -31.30
C ASP A 190 -21.14 8.54 -32.73
N ALA A 191 -22.43 8.50 -33.05
CA ALA A 191 -22.88 8.24 -34.39
C ALA A 191 -23.33 9.54 -35.03
N GLY A 192 -23.21 9.63 -36.34
CA GLY A 192 -23.49 10.88 -37.04
C GLY A 192 -24.95 11.02 -37.42
N ASN A 193 -25.52 9.94 -37.97
CA ASN A 193 -26.95 9.91 -38.28
C ASN A 193 -27.64 8.66 -37.69
N ARG A 194 -28.95 8.56 -37.89
CA ARG A 194 -29.75 7.56 -37.17
C ARG A 194 -29.40 6.13 -37.65
N THR A 195 -28.98 5.99 -38.89
CA THR A 195 -28.67 4.68 -39.45
C THR A 195 -27.27 4.23 -39.01
N GLU A 196 -26.36 5.18 -38.83
CA GLU A 196 -25.03 4.93 -38.26
C GLU A 196 -25.15 4.32 -36.86
N ALA A 197 -25.97 4.98 -36.03
CA ALA A 197 -26.13 4.58 -34.64
C ALA A 197 -26.63 3.15 -34.54
N ALA A 198 -27.51 2.78 -35.46
CA ALA A 198 -28.12 1.46 -35.44
C ALA A 198 -27.06 0.38 -35.67
N ASN A 199 -26.22 0.55 -36.69
CA ASN A 199 -25.25 -0.50 -36.95
C ASN A 199 -24.15 -0.49 -35.87
N ILE A 200 -23.71 0.67 -35.39
CA ILE A 200 -22.79 0.71 -34.24
C ILE A 200 -23.36 -0.02 -33.03
N ALA A 201 -24.67 0.06 -32.81
CA ALA A 201 -25.22 -0.58 -31.62
C ALA A 201 -25.36 -2.09 -31.82
N LYS A 202 -25.60 -2.47 -33.07
CA LYS A 202 -25.70 -3.87 -33.46
C LYS A 202 -24.30 -4.48 -33.43
N GLU A 203 -23.40 -3.84 -34.18
CA GLU A 203 -22.00 -4.27 -34.30
C GLU A 203 -21.39 -4.43 -32.89
N SER A 204 -21.83 -3.61 -31.94
CA SER A 204 -21.34 -3.68 -30.55
C SER A 204 -22.12 -4.64 -29.64
N GLY A 205 -23.09 -5.35 -30.20
CA GLY A 205 -23.80 -6.37 -29.45
C GLY A 205 -24.77 -5.83 -28.41
N TRP A 206 -25.33 -4.64 -28.64
CA TRP A 206 -26.15 -4.01 -27.60
C TRP A 206 -27.67 -4.09 -27.87
N LEU A 207 -28.08 -4.74 -28.95
CA LEU A 207 -29.50 -4.86 -29.28
C LEU A 207 -30.05 -6.23 -28.91
N HIS B 8 27.50 -18.41 4.41
CA HIS B 8 26.79 -17.42 5.27
C HIS B 8 25.26 -17.42 5.01
N MET B 9 24.60 -16.26 5.05
CA MET B 9 23.15 -16.26 5.30
C MET B 9 22.31 -16.94 4.24
N LYS B 10 21.53 -17.91 4.69
CA LYS B 10 20.50 -18.50 3.86
C LYS B 10 19.16 -17.89 4.27
N VAL B 11 18.56 -17.17 3.35
CA VAL B 11 17.37 -16.39 3.69
C VAL B 11 16.20 -16.79 2.81
N LEU B 12 14.99 -16.55 3.30
CA LEU B 12 13.75 -16.67 2.57
C LEU B 12 13.02 -15.36 2.64
N VAL B 13 12.47 -14.95 1.51
CA VAL B 13 11.64 -13.75 1.44
C VAL B 13 10.22 -14.13 1.00
N ALA B 14 9.24 -13.74 1.80
CA ALA B 14 7.84 -13.89 1.46
C ALA B 14 7.21 -12.50 1.43
N GLU B 15 6.58 -12.19 0.30
CA GLU B 15 6.14 -10.87 -0.03
C GLU B 15 5.27 -10.96 -1.28
N ASP B 16 4.06 -10.41 -1.22
CA ASP B 16 3.12 -10.64 -2.33
C ASP B 16 3.14 -9.51 -3.37
N GLN B 17 3.81 -8.40 -3.09
CA GLN B 17 4.00 -7.38 -4.13
C GLN B 17 5.21 -7.80 -4.98
N SER B 18 4.95 -8.08 -6.25
CA SER B 18 5.95 -8.67 -7.11
C SER B 18 7.18 -7.79 -7.32
N MET B 19 6.98 -6.52 -7.62
CA MET B 19 8.12 -5.66 -7.80
C MET B 19 9.01 -5.58 -6.54
N LEU B 20 8.40 -5.50 -5.36
CA LEU B 20 9.17 -5.34 -4.13
C LEU B 20 9.86 -6.63 -3.78
N ARG B 21 9.16 -7.74 -3.98
CA ARG B 21 9.74 -9.04 -3.72
C ARG B 21 10.96 -9.26 -4.60
N ASP B 22 10.79 -8.96 -5.87
CA ASP B 22 11.85 -9.12 -6.85
C ASP B 22 13.04 -8.24 -6.49
N ALA B 23 12.76 -6.98 -6.22
CA ALA B 23 13.80 -6.04 -5.87
C ALA B 23 14.53 -6.44 -4.56
N MET B 24 13.80 -6.88 -3.53
CA MET B 24 14.40 -7.28 -2.28
C MET B 24 15.31 -8.47 -2.50
N CYS B 25 14.80 -9.44 -3.25
CA CYS B 25 15.50 -10.68 -3.42
C CYS B 25 16.77 -10.46 -4.22
N GLN B 26 16.68 -9.74 -5.32
CA GLN B 26 17.87 -9.45 -6.08
C GLN B 26 18.93 -8.74 -5.23
N LEU B 27 18.53 -7.81 -4.39
CA LEU B 27 19.51 -7.05 -3.61
C LEU B 27 20.12 -7.84 -2.48
N LEU B 28 19.32 -8.67 -1.82
CA LEU B 28 19.82 -9.49 -0.74
C LEU B 28 20.85 -10.43 -1.35
N THR B 29 20.52 -10.98 -2.51
CA THR B 29 21.39 -11.94 -3.18
C THR B 29 22.77 -11.34 -3.51
N LEU B 30 22.78 -10.04 -3.73
CA LEU B 30 24.00 -9.30 -4.02
C LEU B 30 24.89 -9.06 -2.78
N GLN B 31 24.31 -9.08 -1.59
CA GLN B 31 25.08 -8.87 -0.36
C GLN B 31 26.17 -9.93 -0.14
N PRO B 32 27.39 -9.50 0.23
CA PRO B 32 28.46 -10.47 0.48
C PRO B 32 28.11 -11.56 1.47
N ASP B 33 27.40 -11.27 2.55
CA ASP B 33 27.13 -12.33 3.53
C ASP B 33 25.76 -12.96 3.43
N VAL B 34 25.08 -12.77 2.29
CA VAL B 34 23.97 -13.65 1.93
C VAL B 34 24.42 -14.68 0.91
N GLU B 35 24.25 -15.93 1.29
CA GLU B 35 24.61 -17.05 0.45
C GLU B 35 23.56 -17.28 -0.62
N SER B 36 22.32 -17.37 -0.19
CA SER B 36 21.21 -17.63 -1.10
C SER B 36 19.94 -16.98 -0.59
N VAL B 37 18.99 -16.73 -1.52
CA VAL B 37 17.67 -16.19 -1.19
C VAL B 37 16.54 -17.03 -1.80
N LEU B 38 15.70 -17.66 -0.96
CA LEU B 38 14.47 -18.32 -1.45
C LEU B 38 13.35 -17.29 -1.54
N GLN B 39 12.53 -17.46 -2.59
CA GLN B 39 11.42 -16.56 -2.94
C GLN B 39 10.02 -17.14 -2.82
N ALA B 40 9.15 -16.45 -2.09
CA ALA B 40 7.77 -16.87 -1.92
C ALA B 40 6.86 -15.66 -2.16
N LYS B 41 5.73 -15.84 -2.85
CA LYS B 41 4.81 -14.72 -3.04
C LYS B 41 3.59 -14.82 -2.12
N ASN B 42 3.52 -15.90 -1.33
CA ASN B 42 2.50 -15.97 -0.29
C ASN B 42 2.93 -16.94 0.85
N GLY B 43 2.21 -16.96 1.94
CA GLY B 43 2.65 -17.69 3.13
C GLY B 43 2.56 -19.18 2.91
N GLN B 44 1.63 -19.58 2.07
CA GLN B 44 1.56 -20.99 1.68
C GLN B 44 2.82 -21.40 0.97
N GLU B 45 3.29 -20.59 0.02
CA GLU B 45 4.55 -20.94 -0.65
C GLU B 45 5.75 -20.94 0.33
N ALA B 46 5.70 -20.05 1.32
CA ALA B 46 6.77 -19.91 2.30
C ALA B 46 6.91 -21.20 3.10
N ILE B 47 5.79 -21.70 3.58
CA ILE B 47 5.75 -22.94 4.35
C ILE B 47 6.21 -24.14 3.50
N GLN B 48 5.82 -24.21 2.23
CA GLN B 48 6.24 -25.31 1.37
C GLN B 48 7.74 -25.32 1.21
N LEU B 49 8.32 -24.15 1.09
CA LEU B 49 9.75 -24.04 0.93
C LEU B 49 10.47 -24.47 2.20
N LEU B 50 9.93 -24.03 3.33
CA LEU B 50 10.51 -24.27 4.63
C LEU B 50 10.42 -25.76 5.02
N GLU B 51 9.54 -26.51 4.34
CA GLU B 51 9.35 -27.93 4.60
C GLU B 51 10.44 -28.78 3.96
N LYS B 52 11.08 -28.26 2.92
CA LYS B 52 12.05 -29.07 2.15
C LYS B 52 13.44 -28.47 2.18
N GLU B 53 13.56 -27.26 2.68
CA GLU B 53 14.81 -26.52 2.61
C GLU B 53 15.09 -25.89 3.97
N SER B 54 16.36 -25.88 4.38
CA SER B 54 16.69 -25.25 5.65
C SER B 54 17.05 -23.78 5.35
N VAL B 55 16.64 -22.93 6.26
CA VAL B 55 16.80 -21.52 6.21
C VAL B 55 17.25 -20.90 7.55
N ASP B 56 18.19 -20.01 7.46
CA ASP B 56 18.73 -19.26 8.59
C ASP B 56 17.80 -18.15 9.03
N ILE B 57 17.19 -17.46 8.10
CA ILE B 57 16.27 -16.37 8.40
C ILE B 57 15.13 -16.28 7.40
N ALA B 58 13.93 -16.12 7.88
CA ALA B 58 12.77 -15.93 7.05
C ALA B 58 12.24 -14.54 7.26
N ILE B 59 12.09 -13.84 6.15
CA ILE B 59 11.71 -12.44 6.13
C ILE B 59 10.34 -12.44 5.50
N LEU B 60 9.38 -11.94 6.27
CA LEU B 60 7.98 -12.20 6.01
C LEU B 60 7.13 -10.93 6.03
N ASP B 61 6.38 -10.75 4.94
CA ASP B 61 5.36 -9.75 4.79
C ASP B 61 4.20 -10.20 5.68
N VAL B 62 3.42 -9.29 6.22
CA VAL B 62 2.21 -9.74 6.93
C VAL B 62 1.07 -10.09 5.95
N GLU B 63 0.48 -9.09 5.27
CA GLU B 63 -0.71 -9.40 4.47
C GLU B 63 -0.28 -10.04 3.14
N MET B 64 -0.62 -11.32 3.00
CA MET B 64 -0.36 -12.07 1.79
C MET B 64 -1.54 -13.00 1.57
N PRO B 65 -1.77 -13.44 0.32
CA PRO B 65 -2.75 -14.48 -0.01
C PRO B 65 -2.59 -15.80 0.77
N VAL B 66 -3.72 -16.43 1.05
CA VAL B 66 -3.77 -17.79 1.62
C VAL B 66 -3.27 -17.88 3.06
N LYS B 67 -1.96 -17.70 3.28
CA LYS B 67 -1.40 -17.60 4.64
C LYS B 67 -0.57 -16.31 4.86
N THR B 68 -0.90 -15.58 5.91
CA THR B 68 -0.20 -14.35 6.30
C THR B 68 1.15 -14.70 6.93
N GLY B 69 2.04 -13.71 7.00
CA GLY B 69 3.35 -13.92 7.59
C GLY B 69 3.25 -14.27 9.06
N LEU B 70 2.16 -13.86 9.70
CA LEU B 70 1.93 -14.15 11.10
C LEU B 70 1.63 -15.65 11.26
N GLU B 71 0.87 -16.21 10.32
CA GLU B 71 0.58 -17.63 10.38
C GLU B 71 1.83 -18.41 10.06
N VAL B 72 2.62 -17.93 9.09
CA VAL B 72 3.87 -18.59 8.75
C VAL B 72 4.82 -18.60 9.97
N LEU B 73 4.81 -17.48 10.68
CA LEU B 73 5.64 -17.35 11.87
C LEU B 73 5.27 -18.42 12.89
N GLU B 74 3.97 -18.49 13.17
CA GLU B 74 3.42 -19.47 14.10
C GLU B 74 3.76 -20.91 13.72
N TRP B 75 3.65 -21.23 12.43
CA TRP B 75 4.04 -22.53 11.90
C TRP B 75 5.50 -22.82 12.15
N ILE B 76 6.34 -21.84 11.85
CA ILE B 76 7.78 -21.98 12.03
C ILE B 76 8.03 -22.42 13.46
N ARG B 77 7.48 -21.67 14.39
CA ARG B 77 7.67 -21.92 15.82
C ARG B 77 7.11 -23.27 16.26
N SER B 78 5.91 -23.64 15.81
CA SER B 78 5.32 -24.90 16.22
C SER B 78 6.23 -26.05 15.75
N GLU B 79 6.71 -25.94 14.53
CA GLU B 79 7.70 -26.86 14.00
C GLU B 79 9.08 -26.79 14.67
N LYS B 80 9.28 -25.81 15.54
CA LYS B 80 10.56 -25.62 16.24
C LYS B 80 11.78 -25.49 15.29
N LEU B 81 11.55 -24.89 14.14
CA LEU B 81 12.62 -24.65 13.18
C LEU B 81 13.73 -23.78 13.76
N GLU B 82 14.98 -24.06 13.39
CA GLU B 82 16.13 -23.21 13.77
C GLU B 82 16.20 -22.11 12.71
N THR B 83 15.21 -21.23 12.75
CA THR B 83 15.08 -20.14 11.79
C THR B 83 14.65 -18.89 12.53
N LYS B 84 15.44 -17.85 12.41
CA LYS B 84 15.05 -16.54 12.91
C LYS B 84 14.01 -15.94 11.95
N VAL B 85 13.09 -15.16 12.49
CA VAL B 85 12.01 -14.56 11.73
C VAL B 85 12.00 -13.05 11.87
N VAL B 86 11.99 -12.37 10.70
CA VAL B 86 11.93 -10.92 10.60
C VAL B 86 10.67 -10.61 9.84
N VAL B 87 9.73 -9.92 10.45
CA VAL B 87 8.54 -9.45 9.74
C VAL B 87 8.87 -8.10 9.15
N VAL B 88 8.41 -7.85 7.91
CA VAL B 88 8.63 -6.59 7.23
C VAL B 88 7.29 -6.18 6.58
N THR B 89 6.71 -5.08 7.00
CA THR B 89 5.33 -4.76 6.63
C THR B 89 5.05 -3.27 6.50
N THR B 90 4.08 -2.94 5.67
CA THR B 90 3.60 -1.58 5.59
C THR B 90 2.79 -1.18 6.82
N PHE B 91 2.15 -2.16 7.46
CA PHE B 91 1.08 -1.84 8.42
C PHE B 91 1.54 -1.55 9.85
N LYS B 92 0.95 -0.50 10.40
CA LYS B 92 1.22 -0.10 11.77
C LYS B 92 0.15 -0.57 12.74
N ARG B 93 -0.67 -1.53 12.33
CA ARG B 93 -1.67 -2.12 13.22
C ARG B 93 -1.05 -2.82 14.45
N ALA B 94 -1.46 -2.38 15.63
CA ALA B 94 -0.91 -2.88 16.90
C ALA B 94 -1.15 -4.38 17.10
N GLY B 95 -2.35 -4.84 16.77
CA GLY B 95 -2.64 -6.26 16.83
C GLY B 95 -1.66 -7.13 16.03
N TYR B 96 -1.16 -6.63 14.91
CA TYR B 96 -0.26 -7.45 14.13
C TYR B 96 1.03 -7.57 14.91
N PHE B 97 1.53 -6.42 15.38
CA PHE B 97 2.76 -6.35 16.13
C PHE B 97 2.67 -7.23 17.40
N GLU B 98 1.61 -7.06 18.16
CA GLU B 98 1.47 -7.78 19.42
C GLU B 98 1.35 -9.26 19.18
N ARG B 99 0.59 -9.62 18.16
CA ARG B 99 0.52 -11.03 17.80
C ARG B 99 1.90 -11.60 17.44
N ALA B 100 2.75 -10.81 16.75
CA ALA B 100 4.04 -11.35 16.31
C ALA B 100 4.99 -11.56 17.51
N VAL B 101 5.08 -10.57 18.39
CA VAL B 101 5.90 -10.67 19.60
C VAL B 101 5.47 -11.87 20.45
N LYS B 102 4.16 -12.00 20.65
CA LYS B 102 3.65 -13.13 21.40
C LYS B 102 4.02 -14.45 20.73
N ALA B 103 4.20 -14.46 19.41
CA ALA B 103 4.61 -15.69 18.72
C ALA B 103 6.12 -15.86 18.69
N GLY B 104 6.85 -14.92 19.28
CA GLY B 104 8.30 -15.05 19.35
C GLY B 104 8.98 -14.60 18.07
N VAL B 105 8.43 -13.59 17.40
CA VAL B 105 9.12 -13.00 16.26
C VAL B 105 10.48 -12.45 16.73
N ASP B 106 11.50 -12.49 15.87
CA ASP B 106 12.80 -11.93 16.26
C ASP B 106 12.96 -10.45 15.90
N ALA B 107 12.33 -10.03 14.80
CA ALA B 107 12.27 -8.61 14.47
C ALA B 107 10.97 -8.29 13.76
N TYR B 108 10.55 -7.03 13.85
CA TYR B 108 9.30 -6.55 13.28
C TYR B 108 9.57 -5.13 12.90
N VAL B 109 9.69 -4.88 11.61
CA VAL B 109 10.09 -3.58 11.12
C VAL B 109 9.12 -3.14 10.03
N LEU B 110 9.10 -1.84 9.81
CA LEU B 110 8.21 -1.25 8.81
C LEU B 110 8.93 -1.03 7.46
N LYS B 111 8.16 -0.98 6.38
CA LYS B 111 8.69 -0.72 5.06
C LYS B 111 9.09 0.77 4.93
N GLU B 112 8.90 1.54 6.00
CA GLU B 112 9.60 2.84 6.15
C GLU B 112 11.12 2.75 6.32
N ARG B 113 11.61 1.56 6.66
CA ARG B 113 13.06 1.32 6.87
C ARG B 113 13.76 1.05 5.52
N SER B 114 15.06 1.29 5.46
CA SER B 114 15.86 1.00 4.26
C SER B 114 16.41 -0.43 4.18
N ILE B 115 16.97 -0.77 3.03
CA ILE B 115 17.57 -2.07 2.85
C ILE B 115 18.76 -2.23 3.80
N ALA B 116 19.51 -1.15 4.01
CA ALA B 116 20.64 -1.22 4.94
C ALA B 116 20.10 -1.43 6.35
N ASP B 117 19.00 -0.78 6.69
CA ASP B 117 18.36 -1.10 7.97
C ASP B 117 18.06 -2.59 8.05
N LEU B 118 17.48 -3.13 6.97
CA LEU B 118 17.09 -4.54 6.94
C LEU B 118 18.32 -5.45 7.12
N MET B 119 19.41 -5.17 6.40
CA MET B 119 20.64 -5.95 6.54
C MET B 119 21.14 -6.01 8.00
N GLN B 120 21.18 -4.86 8.62
CA GLN B 120 21.55 -4.75 10.02
C GLN B 120 20.66 -5.61 10.91
N THR B 121 19.37 -5.63 10.58
CA THR B 121 18.39 -6.41 11.32
C THR B 121 18.70 -7.89 11.18
N LEU B 122 19.08 -8.29 9.97
CA LEU B 122 19.40 -9.68 9.73
C LEU B 122 20.56 -10.13 10.62
N HIS B 123 21.62 -9.32 10.68
CA HIS B 123 22.75 -9.60 11.56
C HIS B 123 22.35 -9.57 13.05
N THR B 124 21.45 -8.66 13.39
CA THR B 124 21.00 -8.51 14.76
C THR B 124 20.33 -9.78 15.24
N VAL B 125 19.47 -10.36 14.41
CA VAL B 125 18.72 -11.50 14.90
C VAL B 125 19.60 -12.77 14.88
N LEU B 126 20.52 -12.87 13.95
CA LEU B 126 21.37 -14.05 13.93
C LEU B 126 22.32 -14.00 15.13
N GLU B 127 22.43 -12.83 15.78
CA GLU B 127 23.22 -12.68 16.98
C GLU B 127 22.40 -12.97 18.26
N GLY B 128 21.13 -13.32 18.08
CA GLY B 128 20.30 -13.76 19.17
C GLY B 128 19.64 -12.58 19.85
N ARG B 129 19.73 -11.42 19.22
CA ARG B 129 19.08 -10.21 19.73
C ARG B 129 17.75 -9.98 18.99
N LYS B 130 17.01 -8.98 19.42
CA LYS B 130 15.66 -8.71 18.88
C LYS B 130 15.68 -7.33 18.32
N GLU B 131 14.78 -7.06 17.37
CA GLU B 131 14.66 -5.71 16.80
C GLU B 131 13.20 -5.37 16.50
N TYR B 132 12.65 -4.55 17.38
CA TYR B 132 11.25 -4.17 17.34
C TYR B 132 11.12 -2.73 16.86
N SER B 133 10.24 -2.51 15.88
CA SER B 133 9.99 -1.19 15.36
C SER B 133 9.81 -0.16 16.49
N PRO B 134 10.73 0.81 16.59
CA PRO B 134 10.64 1.81 17.67
C PRO B 134 9.28 2.50 17.72
N GLU B 135 8.79 2.89 16.55
CA GLU B 135 7.50 3.51 16.41
C GLU B 135 6.34 2.64 16.93
N LEU B 136 6.32 1.35 16.58
CA LEU B 136 5.26 0.49 17.10
C LEU B 136 5.42 0.23 18.61
N MET B 137 6.66 0.09 19.10
CA MET B 137 6.89 -0.06 20.52
C MET B 137 6.27 1.09 21.30
N GLU B 138 6.57 2.29 20.87
CA GLU B 138 6.10 3.45 21.59
C GLU B 138 4.56 3.58 21.52
N MET B 139 3.98 3.26 20.36
CA MET B 139 2.54 3.22 20.22
C MET B 139 1.92 2.27 21.20
N VAL B 140 2.45 1.04 21.27
CA VAL B 140 1.86 0.05 22.13
C VAL B 140 2.06 0.38 23.62
N MET B 141 3.17 1.00 23.95
CA MET B 141 3.53 1.22 25.35
C MET B 141 2.84 2.46 25.90
N THR B 142 2.11 3.15 25.03
CA THR B 142 1.44 4.40 25.39
C THR B 142 -0.03 4.12 25.60
N ARG B 143 -0.44 4.10 26.87
CA ARG B 143 -1.83 3.91 27.23
C ARG B 143 -2.33 5.08 28.04
N PRO B 144 -3.66 5.15 28.21
CA PRO B 144 -4.23 6.15 29.11
C PRO B 144 -4.09 5.69 30.57
N ASN B 145 -3.96 6.65 31.46
CA ASN B 145 -4.03 6.37 32.87
C ASN B 145 -5.16 5.38 33.18
N PRO B 146 -4.82 4.22 33.79
CA PRO B 146 -5.89 3.24 34.05
C PRO B 146 -6.74 3.62 35.26
N LEU B 147 -6.43 4.75 35.88
CA LEU B 147 -7.16 5.20 37.06
C LEU B 147 -8.16 6.33 36.80
N THR B 148 -9.27 6.28 37.53
CA THR B 148 -10.23 7.37 37.49
C THR B 148 -9.67 8.52 38.30
N GLU B 149 -10.26 9.69 38.12
CA GLU B 149 -9.84 10.88 38.81
C GLU B 149 -10.04 10.63 40.32
N GLN B 150 -11.09 9.89 40.65
CA GLN B 150 -11.42 9.66 42.04
C GLN B 150 -10.44 8.65 42.65
N GLU B 151 -10.07 7.66 41.85
CA GLU B 151 -9.17 6.62 42.32
C GLU B 151 -7.80 7.25 42.59
N ILE B 152 -7.40 8.16 41.71
CA ILE B 152 -6.17 8.92 41.90
C ILE B 152 -6.19 9.72 43.19
N ALA B 153 -7.31 10.35 43.53
CA ALA B 153 -7.38 11.15 44.75
C ALA B 153 -7.19 10.29 46.00
N VAL B 154 -7.89 9.17 46.05
CA VAL B 154 -7.71 8.19 47.10
C VAL B 154 -6.24 7.75 47.21
N LEU B 155 -5.59 7.45 46.09
CA LEU B 155 -4.21 6.97 46.13
C LEU B 155 -3.25 8.07 46.60
N LYS B 156 -3.51 9.31 46.22
CA LYS B 156 -2.67 10.41 46.67
C LYS B 156 -2.82 10.52 48.19
N GLY B 157 -4.03 10.21 48.66
CA GLY B 157 -4.34 10.22 50.08
C GLY B 157 -3.66 9.11 50.84
N ILE B 158 -3.64 7.91 50.25
CA ILE B 158 -2.90 6.76 50.82
C ILE B 158 -1.40 7.06 50.91
N ALA B 159 -0.85 7.67 49.86
CA ALA B 159 0.58 8.02 49.85
C ALA B 159 0.95 8.99 50.98
N ARG B 160 0.03 9.89 51.34
CA ARG B 160 0.23 10.81 52.47
C ARG B 160 0.01 10.16 53.85
N GLY B 161 -0.16 8.84 53.88
CA GLY B 161 -0.45 8.11 55.12
C GLY B 161 -1.87 8.23 55.67
N LEU B 162 -2.82 8.79 54.94
CA LEU B 162 -4.16 8.92 55.49
C LEU B 162 -4.89 7.59 55.58
N SER B 163 -5.69 7.46 56.63
CA SER B 163 -6.57 6.33 56.81
C SER B 163 -7.74 6.45 55.84
N ASN B 164 -8.51 5.38 55.68
CA ASN B 164 -9.70 5.46 54.86
C ASN B 164 -10.66 6.56 55.35
N GLN B 165 -10.84 6.65 56.67
CA GLN B 165 -11.75 7.64 57.21
C GLN B 165 -11.26 9.05 56.90
N GLU B 166 -9.96 9.25 57.03
CA GLU B 166 -9.40 10.56 56.73
C GLU B 166 -9.60 10.87 55.24
N ILE B 167 -9.44 9.88 54.36
CA ILE B 167 -9.60 10.13 52.94
C ILE B 167 -11.09 10.44 52.69
N ALA B 168 -11.96 9.66 53.32
CA ALA B 168 -13.41 9.87 53.20
C ALA B 168 -13.86 11.30 53.53
N ASP B 169 -13.30 11.83 54.61
CA ASP B 169 -13.67 13.14 55.08
C ASP B 169 -13.08 14.19 54.19
N GLN B 170 -11.85 13.99 53.71
CA GLN B 170 -11.28 14.87 52.69
C GLN B 170 -12.12 15.01 51.39
N LEU B 171 -12.66 13.90 50.92
CA LEU B 171 -13.33 13.80 49.64
C LEU B 171 -14.87 13.91 49.80
N TYR B 172 -15.30 14.05 51.05
CA TYR B 172 -16.72 14.22 51.32
C TYR B 172 -17.51 12.97 50.89
N LEU B 173 -16.97 11.81 51.23
CA LEU B 173 -17.57 10.52 50.84
C LEU B 173 -17.60 9.59 52.03
N SER B 174 -18.43 8.55 51.97
CA SER B 174 -18.52 7.65 53.11
C SER B 174 -17.27 6.82 53.13
N ASN B 175 -16.84 6.32 54.28
CA ASN B 175 -15.65 5.51 54.27
C ASN B 175 -15.91 4.19 53.50
N GLY B 176 -17.18 3.80 53.33
CA GLY B 176 -17.55 2.65 52.53
C GLY B 176 -17.27 2.86 51.03
N THR B 177 -17.54 4.07 50.57
CA THR B 177 -17.18 4.41 49.21
C THR B 177 -15.66 4.31 49.02
N ILE B 178 -14.92 4.88 49.94
CA ILE B 178 -13.46 4.76 49.89
C ILE B 178 -13.02 3.27 49.86
N ARG B 179 -13.61 2.44 50.70
CA ARG B 179 -13.27 1.03 50.69
C ARG B 179 -13.50 0.40 49.33
N ASN B 180 -14.60 0.81 48.68
CA ASN B 180 -14.96 0.35 47.33
C ASN B 180 -13.93 0.76 46.31
N TYR B 181 -13.45 1.98 46.44
CA TYR B 181 -12.38 2.45 45.56
C TYR B 181 -11.15 1.57 45.73
N VAL B 182 -10.72 1.43 46.98
CA VAL B 182 -9.54 0.66 47.31
C VAL B 182 -9.64 -0.76 46.77
N THR B 183 -10.79 -1.39 46.97
CA THR B 183 -11.03 -2.73 46.45
C THR B 183 -10.85 -2.70 44.94
N ASN B 184 -11.43 -1.70 44.28
CA ASN B 184 -11.33 -1.59 42.83
C ASN B 184 -9.87 -1.36 42.37
N ILE B 185 -9.12 -0.53 43.11
CA ILE B 185 -7.72 -0.22 42.78
C ILE B 185 -6.79 -1.43 42.92
N LEU B 186 -7.04 -2.24 43.92
CA LEU B 186 -6.17 -3.35 44.19
C LEU B 186 -6.30 -4.34 43.02
N SER B 187 -7.52 -4.48 42.51
CA SER B 187 -7.79 -5.35 41.37
C SER B 187 -7.26 -4.78 40.05
N LYS B 188 -7.41 -3.47 39.86
CA LYS B 188 -6.94 -2.81 38.66
C LYS B 188 -5.44 -2.81 38.53
N LEU B 189 -4.75 -2.80 39.65
CA LEU B 189 -3.28 -2.61 39.68
C LEU B 189 -2.54 -3.91 40.09
N ASP B 190 -3.30 -4.97 40.38
CA ASP B 190 -2.75 -6.19 40.99
C ASP B 190 -1.80 -5.86 42.15
N ALA B 191 -2.33 -5.16 43.15
CA ALA B 191 -1.61 -4.87 44.38
C ALA B 191 -2.25 -5.64 45.51
N GLY B 192 -1.43 -6.03 46.48
CA GLY B 192 -1.89 -6.80 47.61
C GLY B 192 -2.37 -5.94 48.75
N ASN B 193 -2.02 -4.66 48.74
CA ASN B 193 -2.48 -3.77 49.78
C ASN B 193 -2.45 -2.31 49.32
N ARG B 194 -3.06 -1.44 50.14
CA ARG B 194 -3.24 -0.05 49.73
C ARG B 194 -1.92 0.67 49.58
N THR B 195 -0.96 0.47 50.47
CA THR B 195 0.28 1.24 50.40
C THR B 195 1.08 0.83 49.17
N GLU B 196 1.07 -0.47 48.88
CA GLU B 196 1.68 -0.98 47.67
C GLU B 196 0.96 -0.47 46.40
N ALA B 197 -0.37 -0.35 46.43
CA ALA B 197 -1.10 0.19 45.29
C ALA B 197 -0.67 1.62 45.01
N ALA B 198 -0.44 2.39 46.06
CA ALA B 198 -0.01 3.77 45.94
C ALA B 198 1.41 3.90 45.35
N ASN B 199 2.28 3.06 45.85
CA ASN B 199 3.65 2.99 45.35
C ASN B 199 3.67 2.65 43.84
N ILE B 200 2.90 1.67 43.43
CA ILE B 200 2.76 1.31 42.02
C ILE B 200 2.23 2.43 41.13
N ALA B 201 1.20 3.13 41.61
CA ALA B 201 0.59 4.19 40.82
C ALA B 201 1.57 5.35 40.65
N LYS B 202 2.26 5.72 41.73
CA LYS B 202 3.20 6.85 41.70
C LYS B 202 4.37 6.56 40.76
N GLU B 203 4.92 5.36 40.80
CA GLU B 203 6.13 5.09 40.06
C GLU B 203 5.80 4.74 38.61
N SER B 204 4.58 4.26 38.35
CA SER B 204 4.05 4.16 36.98
C SER B 204 3.72 5.52 36.38
N GLY B 205 3.87 6.59 37.15
CA GLY B 205 3.54 7.92 36.66
C GLY B 205 2.05 8.24 36.53
N TRP B 206 1.22 7.64 37.36
CA TRP B 206 -0.23 7.81 37.24
C TRP B 206 -0.83 8.74 38.32
N LEU B 207 0.02 9.40 39.12
CA LEU B 207 -0.39 10.34 40.16
C LEU B 207 0.23 11.75 40.02
#